data_5A7R
#
_entry.id   5A7R
#
_cell.length_a   67.457
_cell.length_b   91.277
_cell.length_c   96.123
_cell.angle_alpha   90.00
_cell.angle_beta   90.00
_cell.angle_gamma   90.00
#
_symmetry.space_group_name_H-M   'P 21 21 21'
#
loop_
_entity.id
_entity.type
_entity.pdbx_description
1 polymer 'POLY(ADP-RIBOSE) GLYCOHYDROLASE'
2 non-polymer '[(2R,3S,4R,5R)-5-(6-AMINOPURIN-9-YL)-3,4-DIHYDROXY-OXOLAN-2-YL]METHYL [HYDROXY-[[(2R,3S,4R,5S)-3,4,5-TRIHYDROXYOXOLAN-2-YL]METHOXY]PHOSPHORYL] HYDROGEN PHOSPHATE'
3 non-polymer BETA-MERCAPTOETHANOL
4 non-polymer 'SULFATE ION'
5 non-polymer GLYCEROL
6 non-polymer 'PROPANOIC ACID'
7 water water
#
_entity_poly.entity_id   1
_entity_poly.type   'polypeptide(L)'
_entity_poly.pdbx_seq_one_letter_code
;GSSPDKKWLGTPIEEMRRMPRCGIRLPLLRPSANHTVTIRVDLLRAGEVPKPFPTHYKDLWDNKHVKMPCSEQNLYPVED
ENGERTAGSRWELIQTALLNKFTRPQNLKDAILKYNVAYSKKWDFTALIDFWDKVLEEAEAQHLYQSILPDMVKIALCLP
NICTQPIPLLAAAMNHSITMSQEQIASLLANAFFCTFPRRNAKMKSEYSSYPDINFNRLFEGRSSRKPEKLKTLFCYFRR
VTAAAPTGLVTFTRQSLEDFPEWERCEKPLTRLHVTYEGTIEENGQGMLQVDFANRFVGGGVTSAGLVQENIRFLINPEL
IISRLFTEVLDHNECLIITGTEQYSEYTGYAETYRWSRSHEDGSERDDWQRRCTEIVAIDALHFRRYLDQFVPEKMRREL
NKAYCGFLRPGVSSENLSAVATGNWGCGAFGGDARLKALIQILAAAAAERDVVYFTFGDSELMRDIYSMHIFLTERKLTV
GDVYKLLLRYYNEECRNCSTPGPDIKLYPFIYHAVESCAETADHSGQRTGT
;
_entity_poly.pdbx_strand_id   A
#
loop_
_chem_comp.id
_chem_comp.type
_chem_comp.name
_chem_comp.formula
AR6 non-polymer '[(2R,3S,4R,5R)-5-(6-AMINOPURIN-9-YL)-3,4-DIHYDROXY-OXOLAN-2-YL]METHYL [HYDROXY-[[(2R,3S,4R,5S)-3,4,5-TRIHYDROXYOXOLAN-2-YL]METHOXY]PHOSPHORYL] HYDROGEN PHOSPHATE' 'C15 H23 N5 O14 P2'
BME non-polymer BETA-MERCAPTOETHANOL 'C2 H6 O S'
GOL non-polymer GLYCEROL 'C3 H8 O3'
PPI non-polymer 'PROPANOIC ACID' 'C3 H6 O2'
SO4 non-polymer 'SULFATE ION' 'O4 S -2'
#
# COMPACT_ATOMS: atom_id res chain seq x y z
CA ASP A 5 33.85 2.39 -4.44
C ASP A 5 32.55 3.23 -4.18
N LYS A 6 32.00 3.82 -5.25
CA LYS A 6 30.94 4.87 -5.21
C LYS A 6 29.61 4.40 -4.52
N LYS A 7 28.93 5.28 -3.75
CA LYS A 7 27.66 4.88 -3.09
C LYS A 7 26.42 5.08 -4.03
N TRP A 8 26.56 5.95 -5.03
CA TRP A 8 25.46 6.27 -5.90
C TRP A 8 26.08 6.62 -7.22
N LEU A 9 25.30 6.43 -8.30
CA LEU A 9 25.75 6.75 -9.66
C LEU A 9 24.61 7.41 -10.45
N GLY A 10 24.99 8.16 -11.50
CA GLY A 10 24.03 8.76 -12.41
C GLY A 10 23.81 10.24 -12.12
N THR A 11 22.58 10.69 -12.31
CA THR A 11 22.21 12.10 -12.06
C THR A 11 22.18 12.37 -10.54
N PRO A 12 22.81 13.47 -10.08
CA PRO A 12 22.71 13.81 -8.67
C PRO A 12 21.27 13.90 -8.19
N ILE A 13 20.99 13.43 -6.98
CA ILE A 13 19.64 13.38 -6.54
C ILE A 13 19.04 14.79 -6.33
N GLU A 14 19.90 15.81 -6.15
CA GLU A 14 19.43 17.22 -6.03
C GLU A 14 18.78 17.75 -7.31
N GLU A 15 19.10 17.15 -8.44
CA GLU A 15 18.53 17.58 -9.68
C GLU A 15 17.14 16.95 -10.00
N MET A 16 16.69 16.01 -9.16
CA MET A 16 15.39 15.32 -9.39
C MET A 16 14.19 16.14 -8.84
N ARG A 17 13.06 16.06 -9.53
CA ARG A 17 11.81 16.80 -9.07
C ARG A 17 11.10 16.13 -7.83
N ARG A 18 10.64 16.99 -6.90
CA ARG A 18 9.95 16.56 -5.65
C ARG A 18 8.72 17.44 -5.35
N MET A 19 7.68 16.82 -4.78
CA MET A 19 6.52 17.52 -4.12
C MET A 19 6.88 18.06 -2.68
N PRO A 20 6.16 19.10 -2.20
CA PRO A 20 5.09 19.86 -2.90
C PRO A 20 5.63 20.86 -4.05
N ARG A 21 6.93 21.11 -4.09
CA ARG A 21 7.42 22.24 -4.88
C ARG A 21 7.23 22.06 -6.37
N CYS A 22 7.31 20.82 -6.90
CA CYS A 22 7.02 20.61 -8.35
C CYS A 22 5.51 20.56 -8.70
N GLY A 23 4.63 20.60 -7.69
CA GLY A 23 3.20 20.24 -7.87
C GLY A 23 2.34 21.22 -8.70
N ILE A 24 1.31 20.68 -9.35
CA ILE A 24 0.23 21.52 -9.85
C ILE A 24 -0.46 22.26 -8.67
N ARG A 25 -1.06 23.41 -8.93
CA ARG A 25 -1.87 24.05 -7.90
C ARG A 25 -3.09 23.16 -7.78
N LEU A 26 -3.42 22.69 -6.58
CA LEU A 26 -4.61 21.83 -6.44
C LEU A 26 -5.90 22.63 -6.75
N PRO A 27 -6.79 22.05 -7.51
CA PRO A 27 -8.12 22.68 -7.56
C PRO A 27 -8.82 22.61 -6.21
N LEU A 28 -9.92 23.33 -6.08
CA LEU A 28 -10.73 23.25 -4.90
C LEU A 28 -11.17 21.80 -4.68
N LEU A 29 -11.08 21.36 -3.43
CA LEU A 29 -11.57 20.03 -3.06
C LEU A 29 -13.07 20.06 -3.06
N ARG A 30 -13.70 19.22 -3.82
CA ARG A 30 -15.15 19.13 -3.75
C ARG A 30 -15.62 17.77 -4.20
N PRO A 31 -16.75 17.34 -3.68
CA PRO A 31 -17.30 16.07 -4.11
C PRO A 31 -17.87 16.15 -5.51
N SER A 32 -17.85 15.03 -6.21
CA SER A 32 -18.30 14.94 -7.60
C SER A 32 -18.54 13.51 -7.89
N ALA A 33 -18.95 13.23 -9.11
CA ALA A 33 -19.39 11.89 -9.45
C ALA A 33 -18.24 10.88 -9.33
N ASN A 34 -17.02 11.32 -9.52
CA ASN A 34 -15.88 10.39 -9.42
C ASN A 34 -14.96 10.65 -8.21
N HIS A 35 -15.45 11.44 -7.25
CA HIS A 35 -14.68 11.77 -6.06
C HIS A 35 -15.61 11.90 -4.86
N THR A 36 -15.53 10.92 -4.00
CA THR A 36 -16.27 10.90 -2.74
C THR A 36 -15.44 11.65 -1.68
N VAL A 37 -16.06 12.61 -0.98
CA VAL A 37 -15.40 13.40 0.05
C VAL A 37 -16.26 13.34 1.30
N THR A 38 -15.70 12.81 2.41
CA THR A 38 -16.48 12.44 3.60
C THR A 38 -16.43 13.49 4.72
N ILE A 39 -15.95 14.69 4.40
CA ILE A 39 -15.83 15.75 5.36
C ILE A 39 -16.36 17.06 4.76
N ARG A 40 -16.55 18.06 5.64
CA ARG A 40 -16.99 19.43 5.23
C ARG A 40 -15.84 20.24 4.64
N VAL A 41 -15.82 20.35 3.32
CA VAL A 41 -14.78 21.10 2.63
CA VAL A 41 -14.74 21.10 2.69
C VAL A 41 -14.79 22.58 3.01
N ASP A 42 -15.99 23.11 3.30
CA ASP A 42 -16.12 24.51 3.67
C ASP A 42 -15.53 24.82 5.04
N LEU A 43 -15.30 23.78 5.88
CA LEU A 43 -14.82 23.97 7.20
C LEU A 43 -13.39 23.40 7.41
N LEU A 44 -12.73 23.01 6.35
CA LEU A 44 -11.41 22.40 6.49
C LEU A 44 -10.40 23.45 6.77
N ARG A 45 -9.66 23.32 7.88
CA ARG A 45 -8.66 24.29 8.30
C ARG A 45 -7.46 23.61 8.89
N ALA A 46 -6.29 24.16 8.64
CA ALA A 46 -5.07 23.62 9.20
C ALA A 46 -5.10 23.57 10.77
N GLY A 47 -4.72 22.43 11.32
CA GLY A 47 -4.67 22.25 12.78
C GLY A 47 -6.04 22.01 13.45
N GLU A 48 -7.11 21.95 12.67
CA GLU A 48 -8.44 21.60 13.22
C GLU A 48 -8.87 20.18 12.76
N VAL A 49 -9.54 19.44 13.65
CA VAL A 49 -10.17 18.17 13.28
C VAL A 49 -11.28 18.38 12.26
N PRO A 50 -11.22 17.70 11.09
CA PRO A 50 -12.32 17.88 10.09
C PRO A 50 -13.68 17.41 10.62
N LYS A 51 -14.73 18.08 10.15
CA LYS A 51 -16.12 17.76 10.50
C LYS A 51 -16.70 16.82 9.49
N PRO A 52 -17.33 15.73 9.95
CA PRO A 52 -17.91 14.78 9.04
C PRO A 52 -19.05 15.41 8.26
N PHE A 53 -19.20 15.00 7.00
CA PHE A 53 -20.35 15.35 6.21
C PHE A 53 -20.94 14.09 5.62
N PRO A 54 -22.27 13.88 5.79
CA PRO A 54 -23.26 14.71 6.51
C PRO A 54 -23.13 14.68 8.01
N THR A 55 -23.98 15.45 8.65
CA THR A 55 -23.88 15.63 10.07
C THR A 55 -24.36 14.37 10.82
N HIS A 56 -25.44 13.73 10.31
CA HIS A 56 -25.93 12.51 10.95
CA HIS A 56 -26.08 12.52 10.90
C HIS A 56 -25.73 11.31 10.03
N TYR A 57 -25.53 10.16 10.66
CA TYR A 57 -25.28 8.89 9.98
C TYR A 57 -26.32 8.59 8.89
N LYS A 58 -25.84 8.26 7.72
CA LYS A 58 -26.68 7.71 6.64
C LYS A 58 -26.12 6.36 6.24
N ASP A 59 -27.00 5.35 6.13
CA ASP A 59 -26.62 3.95 5.90
C ASP A 59 -26.94 3.53 4.49
N LEU A 60 -26.01 2.82 3.85
CA LEU A 60 -26.33 2.01 2.68
C LEU A 60 -25.81 0.63 2.91
N TRP A 61 -26.64 -0.36 2.59
CA TRP A 61 -26.31 -1.76 2.78
C TRP A 61 -26.64 -2.48 1.46
N ASP A 62 -25.66 -2.48 0.56
CA ASP A 62 -25.89 -2.94 -0.81
C ASP A 62 -24.57 -3.41 -1.38
N ASN A 63 -24.56 -3.76 -2.66
CA ASN A 63 -23.38 -4.38 -3.21
C ASN A 63 -22.39 -3.40 -3.83
N LYS A 64 -22.59 -2.11 -3.57
CA LYS A 64 -21.73 -1.08 -4.07
C LYS A 64 -21.05 -0.24 -2.96
N HIS A 65 -21.33 -0.56 -1.71
CA HIS A 65 -20.78 0.14 -0.59
C HIS A 65 -20.26 -0.79 0.48
N VAL A 66 -19.39 -0.25 1.33
CA VAL A 66 -18.94 -0.95 2.50
C VAL A 66 -20.18 -1.27 3.40
N LYS A 67 -20.23 -2.49 3.91
CA LYS A 67 -21.24 -2.85 4.89
CA LYS A 67 -21.24 -2.84 4.88
C LYS A 67 -20.74 -2.50 6.28
N MET A 68 -21.27 -1.42 6.87
CA MET A 68 -20.76 -0.93 8.13
CA MET A 68 -20.77 -0.92 8.16
C MET A 68 -21.25 -1.76 9.33
N PRO A 69 -20.40 -1.92 10.35
CA PRO A 69 -20.83 -2.69 11.49
C PRO A 69 -22.02 -2.01 12.20
N CYS A 70 -22.15 -0.69 12.06
CA CYS A 70 -23.17 0.02 12.82
C CYS A 70 -24.51 0.12 12.07
N SER A 71 -24.59 -0.55 10.92
CA SER A 71 -25.86 -0.60 10.10
C SER A 71 -26.99 -1.24 10.90
N GLU A 72 -28.20 -0.68 10.84
CA GLU A 72 -29.36 -1.42 11.38
C GLU A 72 -29.64 -2.75 10.64
N GLN A 73 -29.07 -2.93 9.44
CA GLN A 73 -29.17 -4.23 8.71
C GLN A 73 -28.17 -5.25 9.14
N ASN A 74 -27.23 -4.85 9.99
CA ASN A 74 -26.27 -5.80 10.52
C ASN A 74 -26.86 -6.56 11.73
N LEU A 75 -27.43 -7.72 11.43
CA LEU A 75 -28.27 -8.49 12.35
C LEU A 75 -27.60 -9.81 12.69
N TYR A 76 -27.93 -10.38 13.84
CA TYR A 76 -27.58 -11.76 14.13
C TYR A 76 -28.86 -12.58 14.46
N PRO A 77 -29.05 -13.73 13.73
CA PRO A 77 -30.05 -14.73 14.12
C PRO A 77 -29.90 -15.16 15.56
N VAL A 78 -30.92 -14.85 16.38
CA VAL A 78 -30.89 -15.07 17.83
C VAL A 78 -31.41 -16.48 18.17
N ALA A 87 -34.04 -12.09 15.12
CA ALA A 87 -33.05 -11.10 14.67
C ALA A 87 -32.74 -10.08 15.75
N GLY A 88 -31.49 -10.04 16.17
CA GLY A 88 -31.04 -9.02 17.11
C GLY A 88 -30.05 -8.12 16.39
N SER A 89 -29.78 -6.96 16.97
CA SER A 89 -28.84 -6.00 16.39
C SER A 89 -27.38 -6.38 16.74
N ARG A 90 -26.59 -6.67 15.74
CA ARG A 90 -25.19 -6.98 16.02
C ARG A 90 -24.42 -5.74 16.57
N TRP A 91 -24.75 -4.53 16.12
CA TRP A 91 -24.09 -3.32 16.69
C TRP A 91 -24.34 -3.22 18.16
N GLU A 92 -25.59 -3.51 18.59
CA GLU A 92 -25.87 -3.51 20.05
C GLU A 92 -25.04 -4.55 20.79
N LEU A 93 -24.91 -5.72 20.19
CA LEU A 93 -24.11 -6.81 20.78
C LEU A 93 -22.62 -6.43 20.86
N ILE A 94 -22.11 -5.83 19.79
CA ILE A 94 -20.73 -5.27 19.79
C ILE A 94 -20.53 -4.34 20.98
N GLN A 95 -21.45 -3.40 21.17
CA GLN A 95 -21.32 -2.43 22.26
C GLN A 95 -21.28 -3.13 23.62
N THR A 96 -22.20 -4.08 23.85
CA THR A 96 -22.25 -4.75 25.15
CA THR A 96 -22.20 -4.71 25.17
C THR A 96 -20.96 -5.56 25.37
N ALA A 97 -20.48 -6.22 24.29
CA ALA A 97 -19.24 -7.04 24.39
C ALA A 97 -17.97 -6.23 24.77
N LEU A 98 -17.76 -5.09 24.09
CA LEU A 98 -16.52 -4.33 24.22
C LEU A 98 -16.46 -3.40 25.41
N LEU A 99 -17.60 -3.05 26.02
CA LEU A 99 -17.59 -2.14 27.18
C LEU A 99 -17.44 -2.85 28.54
N ASN A 100 -16.79 -3.99 28.55
CA ASN A 100 -16.33 -4.56 29.78
C ASN A 100 -14.90 -4.22 30.00
N LYS A 101 -14.49 -4.23 31.24
CA LYS A 101 -13.10 -3.99 31.52
C LYS A 101 -12.30 -5.24 31.15
N PHE A 102 -11.12 -5.03 30.58
CA PHE A 102 -10.21 -6.15 30.31
C PHE A 102 -9.14 -6.05 31.38
N THR A 103 -8.84 -7.19 32.01
CA THR A 103 -7.60 -7.28 32.85
CA THR A 103 -7.72 -7.28 32.90
C THR A 103 -6.73 -8.42 32.47
N ARG A 104 -7.22 -9.32 31.61
CA ARG A 104 -6.47 -10.51 31.18
C ARG A 104 -6.80 -10.78 29.67
N PRO A 105 -5.86 -11.36 28.90
CA PRO A 105 -6.10 -11.44 27.48
C PRO A 105 -7.30 -12.29 27.09
N GLN A 106 -7.61 -13.32 27.89
CA GLN A 106 -8.82 -14.07 27.67
C GLN A 106 -10.10 -13.18 27.62
N ASN A 107 -10.07 -12.07 28.35
CA ASN A 107 -11.25 -11.18 28.39
C ASN A 107 -11.46 -10.60 26.99
N LEU A 108 -10.36 -10.23 26.31
CA LEU A 108 -10.46 -9.62 25.01
C LEU A 108 -10.84 -10.63 23.98
N LYS A 109 -10.27 -11.84 24.05
CA LYS A 109 -10.67 -12.90 23.15
C LYS A 109 -12.18 -13.16 23.27
N ASP A 110 -12.65 -13.32 24.49
CA ASP A 110 -14.12 -13.71 24.70
C ASP A 110 -15.03 -12.57 24.18
N ALA A 111 -14.60 -11.32 24.37
CA ALA A 111 -15.36 -10.15 23.81
C ALA A 111 -15.51 -10.16 22.28
N ILE A 112 -14.38 -10.33 21.55
CA ILE A 112 -14.42 -10.41 20.13
C ILE A 112 -15.28 -11.58 19.59
N LEU A 113 -15.22 -12.71 20.28
CA LEU A 113 -16.00 -13.87 19.83
C LEU A 113 -17.50 -13.81 20.14
N LYS A 114 -17.94 -12.88 21.00
CA LYS A 114 -19.39 -12.72 21.25
C LYS A 114 -20.17 -12.39 20.07
N TYR A 115 -19.59 -11.62 19.13
CA TYR A 115 -20.25 -11.25 17.91
C TYR A 115 -19.61 -11.94 16.69
N ASN A 116 -18.84 -12.99 16.95
CA ASN A 116 -18.23 -13.81 15.91
C ASN A 116 -18.34 -15.32 16.29
N VAL A 117 -19.52 -15.72 16.76
CA VAL A 117 -19.68 -17.06 17.36
C VAL A 117 -19.36 -18.16 16.34
N ALA A 118 -19.65 -17.92 15.07
CA ALA A 118 -19.34 -18.91 14.01
C ALA A 118 -17.84 -19.22 13.87
N TYR A 119 -16.98 -18.39 14.48
CA TYR A 119 -15.55 -18.57 14.36
C TYR A 119 -14.89 -18.92 15.67
N SER A 120 -15.69 -19.19 16.70
CA SER A 120 -15.14 -19.42 18.02
C SER A 120 -14.28 -20.68 18.15
N LYS A 121 -14.37 -21.57 17.16
CA LYS A 121 -13.50 -22.75 17.14
C LYS A 121 -12.58 -22.76 15.94
N LYS A 122 -12.55 -21.68 15.16
CA LYS A 122 -11.66 -21.56 14.03
C LYS A 122 -10.54 -20.51 14.25
N TRP A 123 -10.86 -19.39 14.87
CA TRP A 123 -9.84 -18.32 15.07
C TRP A 123 -8.92 -18.66 16.25
N ASP A 124 -7.64 -18.49 16.04
CA ASP A 124 -6.64 -18.69 17.08
C ASP A 124 -6.14 -17.34 17.61
N PHE A 125 -5.97 -17.27 18.93
CA PHE A 125 -5.61 -16.02 19.66
C PHE A 125 -4.30 -16.18 20.38
N THR A 126 -3.57 -17.27 20.06
CA THR A 126 -2.32 -17.57 20.77
C THR A 126 -1.30 -16.41 20.80
N ALA A 127 -1.14 -15.72 19.69
CA ALA A 127 -0.20 -14.58 19.64
C ALA A 127 -0.64 -13.39 20.47
N LEU A 128 -1.94 -13.19 20.60
CA LEU A 128 -2.46 -12.11 21.48
C LEU A 128 -2.21 -12.43 22.93
N ILE A 129 -2.54 -13.66 23.34
CA ILE A 129 -2.28 -14.11 24.70
C ILE A 129 -0.79 -14.09 25.03
N ASP A 130 0.05 -14.55 24.12
CA ASP A 130 1.50 -14.54 24.38
C ASP A 130 2.08 -13.12 24.46
N PHE A 131 1.59 -12.23 23.60
CA PHE A 131 2.06 -10.87 23.60
C PHE A 131 1.78 -10.25 24.95
N TRP A 132 0.52 -10.32 25.37
CA TRP A 132 0.10 -9.72 26.63
C TRP A 132 0.80 -10.36 27.86
N ASP A 133 0.81 -11.70 27.92
CA ASP A 133 1.32 -12.42 29.10
C ASP A 133 2.82 -12.67 29.10
N LYS A 134 3.38 -12.94 27.94
CA LYS A 134 4.77 -13.48 27.90
C LYS A 134 5.78 -12.59 27.23
N VAL A 135 5.35 -11.55 26.53
CA VAL A 135 6.30 -10.57 25.97
C VAL A 135 6.29 -9.28 26.77
N LEU A 136 5.12 -8.68 26.97
CA LEU A 136 5.07 -7.39 27.68
C LEU A 136 5.52 -7.47 29.16
N GLU A 137 6.27 -6.46 29.61
CA GLU A 137 6.52 -6.25 31.04
C GLU A 137 5.17 -5.89 31.71
N GLU A 138 5.09 -6.05 33.05
CA GLU A 138 3.86 -5.82 33.79
C GLU A 138 3.30 -4.37 33.60
N ALA A 139 4.17 -3.39 33.60
CA ALA A 139 3.77 -1.98 33.46
C ALA A 139 3.24 -1.73 32.05
N GLU A 140 3.86 -2.40 31.07
CA GLU A 140 3.40 -2.26 29.66
C GLU A 140 2.03 -2.89 29.44
N ALA A 141 1.81 -4.08 30.03
CA ALA A 141 0.51 -4.75 29.98
C ALA A 141 -0.56 -3.90 30.63
N GLN A 142 -0.22 -3.30 31.79
CA GLN A 142 -1.23 -2.47 32.49
C GLN A 142 -1.58 -1.27 31.63
N HIS A 143 -0.60 -0.63 31.04
CA HIS A 143 -0.89 0.48 30.11
C HIS A 143 -1.80 0.04 28.90
N LEU A 144 -1.61 -1.18 28.43
CA LEU A 144 -2.43 -1.71 27.34
C LEU A 144 -3.89 -1.87 27.75
N TYR A 145 -4.13 -2.53 28.86
CA TYR A 145 -5.49 -2.81 29.25
C TYR A 145 -6.19 -1.71 30.02
N GLN A 146 -5.43 -0.83 30.65
CA GLN A 146 -6.05 0.32 31.39
C GLN A 146 -6.26 1.54 30.53
N SER A 147 -5.44 1.73 29.50
CA SER A 147 -5.50 2.94 28.71
CA SER A 147 -5.58 2.93 28.69
C SER A 147 -5.75 2.67 27.21
N ILE A 148 -4.82 1.95 26.58
CA ILE A 148 -4.85 1.82 25.12
C ILE A 148 -6.09 1.08 24.65
N LEU A 149 -6.35 -0.12 25.19
CA LEU A 149 -7.50 -0.87 24.72
C LEU A 149 -8.87 -0.13 24.94
N PRO A 150 -9.08 0.46 26.14
CA PRO A 150 -10.38 1.12 26.30
C PRO A 150 -10.52 2.39 25.45
N ASP A 151 -9.44 3.06 25.18
CA ASP A 151 -9.50 4.19 24.25
C ASP A 151 -9.84 3.74 22.79
N MET A 152 -9.32 2.56 22.43
CA MET A 152 -9.57 2.01 21.07
C MET A 152 -11.02 1.61 20.99
N VAL A 153 -11.58 1.01 22.08
CA VAL A 153 -13.01 0.66 22.09
C VAL A 153 -13.86 1.90 21.87
N LYS A 154 -13.54 2.96 22.59
CA LYS A 154 -14.36 4.17 22.50
C LYS A 154 -14.33 4.82 21.11
N ILE A 155 -13.15 4.89 20.48
CA ILE A 155 -13.13 5.44 19.10
C ILE A 155 -13.84 4.50 18.09
N ALA A 156 -13.72 3.17 18.28
CA ALA A 156 -14.44 2.25 17.43
C ALA A 156 -15.97 2.45 17.56
N LEU A 157 -16.46 2.57 18.80
CA LEU A 157 -17.88 2.67 19.06
C LEU A 157 -18.46 4.04 18.67
N CYS A 158 -17.60 5.03 18.44
CA CYS A 158 -18.11 6.32 17.94
CA CYS A 158 -18.05 6.33 17.92
C CYS A 158 -18.31 6.29 16.43
N LEU A 159 -18.03 5.15 15.80
CA LEU A 159 -18.10 5.07 14.32
C LEU A 159 -19.31 5.78 13.64
N PRO A 160 -20.56 5.58 14.13
CA PRO A 160 -21.64 6.23 13.42
C PRO A 160 -21.64 7.76 13.45
N ASN A 161 -20.96 8.36 14.41
CA ASN A 161 -20.88 9.83 14.50
C ASN A 161 -19.66 10.38 13.72
N ILE A 162 -18.76 9.48 13.33
CA ILE A 162 -17.46 9.88 12.69
C ILE A 162 -17.51 9.57 11.17
N CYS A 163 -17.89 8.35 10.82
CA CYS A 163 -18.09 7.95 9.41
C CYS A 163 -19.58 7.97 9.02
N THR A 164 -20.09 9.18 8.80
CA THR A 164 -21.51 9.42 8.56
C THR A 164 -21.98 9.13 7.12
N GLN A 165 -21.04 9.16 6.16
CA GLN A 165 -21.32 9.01 4.75
C GLN A 165 -20.96 7.62 4.26
N PRO A 166 -21.87 6.98 3.47
CA PRO A 166 -21.52 5.65 2.95
C PRO A 166 -20.24 5.71 2.15
N ILE A 167 -19.43 4.68 2.31
CA ILE A 167 -18.16 4.57 1.60
C ILE A 167 -18.28 3.62 0.39
N PRO A 168 -18.08 4.13 -0.82
CA PRO A 168 -18.23 3.24 -2.00
C PRO A 168 -17.10 2.29 -2.11
N LEU A 169 -17.40 1.09 -2.59
CA LEU A 169 -16.35 0.19 -3.00
C LEU A 169 -15.61 0.75 -4.23
N LEU A 170 -14.27 0.74 -4.18
CA LEU A 170 -13.45 0.98 -5.40
C LEU A 170 -13.32 -0.34 -6.19
N ALA A 171 -14.33 -0.59 -7.04
CA ALA A 171 -14.51 -1.87 -7.64
C ALA A 171 -13.73 -1.96 -8.94
N ALA A 172 -13.47 -3.14 -9.42
CA ALA A 172 -12.74 -3.33 -10.71
C ALA A 172 -13.29 -2.46 -11.85
N ALA A 173 -12.39 -1.84 -12.59
CA ALA A 173 -12.70 -0.94 -13.70
C ALA A 173 -13.19 0.43 -13.32
N MET A 174 -13.29 0.76 -12.03
CA MET A 174 -13.65 2.11 -11.63
C MET A 174 -12.45 3.03 -11.63
N ASN A 175 -12.66 4.25 -12.13
CA ASN A 175 -11.73 5.35 -11.93
C ASN A 175 -12.39 6.30 -10.96
N HIS A 176 -11.98 6.24 -9.68
CA HIS A 176 -12.74 6.91 -8.60
C HIS A 176 -11.80 7.17 -7.43
N SER A 177 -12.04 8.27 -6.70
CA SER A 177 -11.28 8.66 -5.54
C SER A 177 -12.17 8.77 -4.31
N ILE A 178 -11.61 8.42 -3.14
CA ILE A 178 -12.21 8.70 -1.86
C ILE A 178 -11.22 9.51 -0.99
N THR A 179 -11.68 10.66 -0.50
CA THR A 179 -10.93 11.51 0.38
C THR A 179 -11.66 11.56 1.74
N MET A 180 -10.95 11.06 2.79
CA MET A 180 -11.50 10.98 4.14
CA MET A 180 -11.50 10.95 4.16
C MET A 180 -10.49 11.52 5.17
N SER A 181 -10.93 11.74 6.40
CA SER A 181 -10.00 12.23 7.42
C SER A 181 -9.19 11.07 8.09
N GLN A 182 -8.02 11.41 8.59
CA GLN A 182 -7.19 10.49 9.38
C GLN A 182 -8.01 10.01 10.58
N GLU A 183 -8.82 10.91 11.17
CA GLU A 183 -9.68 10.52 12.28
C GLU A 183 -10.68 9.45 11.91
N GLN A 184 -11.32 9.61 10.73
CA GLN A 184 -12.22 8.61 10.23
C GLN A 184 -11.53 7.29 10.00
N ILE A 185 -10.32 7.34 9.45
CA ILE A 185 -9.52 6.11 9.27
C ILE A 185 -9.23 5.43 10.61
N ALA A 186 -8.87 6.19 11.65
CA ALA A 186 -8.57 5.61 12.97
C ALA A 186 -9.79 4.87 13.58
N SER A 187 -10.99 5.45 13.45
CA SER A 187 -12.21 4.78 13.90
C SER A 187 -12.43 3.47 13.14
N LEU A 188 -12.26 3.49 11.83
CA LEU A 188 -12.43 2.30 11.00
C LEU A 188 -11.39 1.20 11.34
N LEU A 189 -10.13 1.59 11.55
CA LEU A 189 -9.07 0.64 11.89
C LEU A 189 -9.24 0.03 13.28
N ALA A 190 -9.79 0.80 14.23
CA ALA A 190 -10.11 0.24 15.54
C ALA A 190 -11.22 -0.83 15.43
N ASN A 191 -12.19 -0.59 14.57
CA ASN A 191 -13.18 -1.65 14.25
C ASN A 191 -12.53 -2.90 13.64
N ALA A 192 -11.59 -2.70 12.71
CA ALA A 192 -10.87 -3.82 12.16
C ALA A 192 -10.13 -4.61 13.21
N PHE A 193 -9.46 -3.94 14.14
CA PHE A 193 -8.76 -4.61 15.25
C PHE A 193 -9.70 -5.51 16.05
N PHE A 194 -10.88 -4.99 16.36
CA PHE A 194 -11.92 -5.72 17.14
C PHE A 194 -12.77 -6.69 16.29
N CYS A 195 -12.42 -6.79 15.01
CA CYS A 195 -12.99 -7.72 14.07
C CYS A 195 -14.50 -7.54 13.91
N THR A 196 -14.95 -6.28 13.72
CA THR A 196 -16.37 -6.00 13.63
C THR A 196 -16.97 -5.95 12.26
N PHE A 197 -16.18 -6.00 11.19
CA PHE A 197 -16.77 -5.76 9.87
C PHE A 197 -17.52 -7.01 9.43
N PRO A 198 -18.82 -6.84 9.13
CA PRO A 198 -19.60 -8.05 8.76
C PRO A 198 -19.40 -8.51 7.35
N ARG A 199 -19.53 -9.82 7.15
CA ARG A 199 -19.43 -10.43 5.82
C ARG A 199 -18.05 -10.48 5.29
N ARG A 200 -17.06 -10.26 6.15
CA ARG A 200 -15.68 -10.23 5.68
C ARG A 200 -14.86 -11.36 6.22
N ASN A 201 -15.51 -12.44 6.68
CA ASN A 201 -14.82 -13.50 7.39
C ASN A 201 -14.86 -14.87 6.71
N ALA A 202 -15.96 -15.23 6.03
CA ALA A 202 -16.13 -16.67 5.63
C ALA A 202 -15.20 -17.06 4.47
N LYS A 203 -14.53 -18.21 4.59
CA LYS A 203 -13.62 -18.68 3.53
C LYS A 203 -14.38 -19.04 2.22
N MET A 204 -15.70 -19.32 2.33
CA MET A 204 -16.55 -19.75 1.18
C MET A 204 -17.55 -18.65 0.75
N LYS A 205 -17.14 -17.40 0.91
CA LYS A 205 -17.93 -16.26 0.40
C LYS A 205 -17.88 -16.20 -1.16
N SER A 206 -19.00 -15.84 -1.74
CA SER A 206 -19.00 -15.21 -3.03
C SER A 206 -18.75 -13.72 -2.80
N GLU A 207 -19.57 -13.10 -1.96
N GLU A 207 -19.62 -13.16 -1.95
CA GLU A 207 -19.71 -11.60 -1.90
CA GLU A 207 -19.54 -11.79 -1.57
C GLU A 207 -18.43 -10.70 -2.19
C GLU A 207 -18.26 -11.58 -0.75
N TYR A 208 -17.46 -10.71 -1.29
CA TYR A 208 -16.18 -10.15 -0.89
C TYR A 208 -15.04 -11.06 -1.13
N SER A 209 -15.25 -12.14 -1.90
CA SER A 209 -14.16 -13.05 -2.22
C SER A 209 -13.10 -12.34 -3.10
N SER A 210 -13.47 -11.30 -3.79
CA SER A 210 -12.49 -10.57 -4.59
C SER A 210 -11.84 -9.35 -3.85
N TYR A 211 -12.09 -9.24 -2.52
CA TYR A 211 -11.55 -8.15 -1.69
C TYR A 211 -10.59 -8.73 -0.68
N PRO A 212 -9.57 -7.95 -0.26
CA PRO A 212 -8.66 -8.42 0.75
C PRO A 212 -9.31 -8.61 2.12
N ASP A 213 -8.64 -9.32 3.01
CA ASP A 213 -9.01 -9.38 4.42
C ASP A 213 -8.94 -7.94 5.03
N ILE A 214 -9.81 -7.67 5.98
CA ILE A 214 -9.77 -6.42 6.75
C ILE A 214 -9.77 -6.62 8.26
N ASN A 215 -10.61 -7.54 8.79
CA ASN A 215 -10.58 -7.81 10.22
C ASN A 215 -9.22 -8.39 10.61
N PHE A 216 -8.74 -8.05 11.83
CA PHE A 216 -7.33 -8.33 12.24
C PHE A 216 -7.12 -9.73 12.88
N ASN A 217 -8.10 -10.66 12.77
CA ASN A 217 -7.97 -11.91 13.53
C ASN A 217 -6.71 -12.73 13.24
N ARG A 218 -6.20 -12.71 12.00
CA ARG A 218 -4.93 -13.46 11.73
C ARG A 218 -3.67 -12.88 12.38
N LEU A 219 -3.76 -11.63 12.84
CA LEU A 219 -2.65 -11.07 13.61
CA LEU A 219 -2.69 -11.02 13.61
C LEU A 219 -2.53 -11.69 14.97
N PHE A 220 -3.62 -12.33 15.45
CA PHE A 220 -3.60 -12.94 16.80
C PHE A 220 -3.24 -14.44 16.82
N GLU A 221 -3.01 -15.02 15.66
CA GLU A 221 -2.72 -16.46 15.59
C GLU A 221 -1.25 -16.86 15.64
N GLY A 222 -1.01 -18.06 16.21
CA GLY A 222 0.28 -18.73 16.15
C GLY A 222 1.37 -18.23 17.04
N ARG A 223 2.59 -18.71 16.81
CA ARG A 223 3.70 -18.34 17.68
C ARG A 223 4.93 -17.76 16.93
N SER A 224 4.72 -17.07 15.82
CA SER A 224 5.88 -16.44 15.14
C SER A 224 6.50 -15.42 16.06
N SER A 225 7.85 -15.38 16.12
CA SER A 225 8.55 -14.37 16.92
C SER A 225 8.37 -12.97 16.37
N ARG A 226 7.84 -12.83 15.15
CA ARG A 226 7.62 -11.49 14.58
C ARG A 226 6.22 -10.91 14.94
N LYS A 227 5.29 -11.73 15.42
CA LYS A 227 3.95 -11.19 15.84
C LYS A 227 4.05 -10.11 16.91
N PRO A 228 4.90 -10.29 17.91
CA PRO A 228 4.99 -9.16 18.87
C PRO A 228 5.51 -7.88 18.27
N GLU A 229 6.33 -7.99 17.25
CA GLU A 229 6.85 -6.80 16.59
C GLU A 229 5.79 -6.13 15.74
N LYS A 230 4.96 -6.91 15.03
CA LYS A 230 3.82 -6.34 14.33
C LYS A 230 2.83 -5.67 15.25
N LEU A 231 2.53 -6.34 16.39
CA LEU A 231 1.64 -5.75 17.39
C LEU A 231 2.16 -4.47 18.03
N LYS A 232 3.44 -4.44 18.39
CA LYS A 232 4.05 -3.21 18.88
C LYS A 232 3.91 -2.07 17.89
N THR A 233 4.09 -2.39 16.60
CA THR A 233 4.07 -1.37 15.56
C THR A 233 2.63 -0.79 15.46
N LEU A 234 1.63 -1.68 15.47
CA LEU A 234 0.25 -1.20 15.42
C LEU A 234 -0.20 -0.48 16.67
N PHE A 235 0.21 -0.95 17.86
CA PHE A 235 -0.19 -0.26 19.10
C PHE A 235 0.47 1.10 19.25
N CYS A 236 1.63 1.30 18.62
CA CYS A 236 2.26 2.64 18.56
C CYS A 236 1.31 3.60 17.85
N TYR A 237 0.82 3.19 16.68
CA TYR A 237 -0.20 3.95 15.97
C TYR A 237 -1.45 4.19 16.83
N PHE A 238 -2.04 3.12 17.31
CA PHE A 238 -3.30 3.26 18.04
C PHE A 238 -3.17 4.12 19.27
N ARG A 239 -2.07 3.99 20.00
CA ARG A 239 -1.82 4.88 21.17
C ARG A 239 -1.77 6.40 20.78
N ARG A 240 -1.11 6.67 19.68
CA ARG A 240 -0.99 8.03 19.17
C ARG A 240 -2.26 8.66 18.69
N VAL A 241 -3.04 7.96 17.89
CA VAL A 241 -4.27 8.54 17.36
C VAL A 241 -5.42 8.59 18.33
N THR A 242 -5.40 7.75 19.37
CA THR A 242 -6.45 7.83 20.41
C THR A 242 -6.08 8.86 21.49
N ALA A 243 -4.80 9.10 21.73
CA ALA A 243 -4.34 10.11 22.69
C ALA A 243 -4.57 11.54 22.15
N ALA A 244 -4.35 11.74 20.87
CA ALA A 244 -4.61 13.03 20.24
C ALA A 244 -5.07 12.80 18.81
N ALA A 245 -6.23 13.34 18.46
CA ALA A 245 -6.82 13.12 17.15
C ALA A 245 -5.98 13.74 16.04
N PRO A 246 -5.68 12.97 15.00
CA PRO A 246 -5.01 13.51 13.84
C PRO A 246 -5.91 14.45 13.03
N THR A 247 -5.31 15.46 12.39
CA THR A 247 -6.09 16.54 11.77
C THR A 247 -6.14 16.55 10.24
N GLY A 248 -5.39 15.68 9.58
CA GLY A 248 -5.31 15.74 8.12
C GLY A 248 -6.28 14.83 7.37
N LEU A 249 -6.07 14.77 6.05
CA LEU A 249 -6.88 13.99 5.12
C LEU A 249 -5.98 13.01 4.33
N VAL A 250 -6.62 12.00 3.77
CA VAL A 250 -5.96 10.97 2.96
C VAL A 250 -6.84 10.69 1.76
N THR A 251 -6.24 10.60 0.59
CA THR A 251 -7.01 10.28 -0.65
C THR A 251 -6.57 8.92 -1.17
N PHE A 252 -7.55 8.12 -1.55
CA PHE A 252 -7.35 6.81 -2.15
C PHE A 252 -7.94 6.85 -3.55
N THR A 253 -7.13 6.53 -4.56
CA THR A 253 -7.57 6.61 -5.97
C THR A 253 -7.32 5.32 -6.72
N ARG A 254 -8.39 4.71 -7.27
CA ARG A 254 -8.22 3.57 -8.21
C ARG A 254 -8.10 4.12 -9.63
N GLN A 255 -7.08 3.67 -10.32
CA GLN A 255 -6.83 4.08 -11.70
C GLN A 255 -6.77 2.85 -12.58
N SER A 256 -7.56 2.89 -13.67
CA SER A 256 -7.79 1.74 -14.58
C SER A 256 -7.66 2.30 -15.99
N LEU A 257 -6.62 1.91 -16.73
CA LEU A 257 -6.39 2.51 -18.04
C LEU A 257 -6.86 1.56 -19.13
N GLU A 258 -7.29 2.16 -20.24
CA GLU A 258 -7.81 1.45 -21.40
C GLU A 258 -6.72 1.34 -22.45
N ASP A 259 -6.08 2.47 -22.75
CA ASP A 259 -5.14 2.57 -23.86
C ASP A 259 -3.69 2.52 -23.35
N PHE A 260 -2.96 1.52 -23.83
CA PHE A 260 -1.53 1.31 -23.48
C PHE A 260 -0.65 1.53 -24.71
N PRO A 261 0.64 1.82 -24.52
CA PRO A 261 1.47 2.11 -25.69
C PRO A 261 1.62 0.91 -26.56
N GLU A 262 1.86 1.17 -27.85
CA GLU A 262 2.43 0.15 -28.73
C GLU A 262 3.91 0.27 -28.58
N TRP A 263 4.48 -0.59 -27.75
CA TRP A 263 5.80 -0.31 -27.18
C TRP A 263 6.89 -0.29 -28.27
N GLU A 264 6.78 -1.23 -29.19
CA GLU A 264 7.73 -1.36 -30.29
CA GLU A 264 7.75 -1.35 -30.29
C GLU A 264 7.80 -0.08 -31.11
N ARG A 265 6.70 0.69 -31.14
CA ARG A 265 6.69 1.90 -31.97
C ARG A 265 7.04 3.16 -31.17
N CYS A 266 7.34 3.02 -29.88
CA CYS A 266 7.48 4.23 -29.04
C CYS A 266 8.81 4.95 -29.29
N GLU A 267 8.72 6.22 -29.69
CA GLU A 267 9.89 7.04 -30.05
C GLU A 267 10.42 7.94 -28.91
N LYS A 268 9.82 7.86 -27.74
CA LYS A 268 10.37 8.62 -26.57
C LYS A 268 11.77 8.17 -26.20
N PRO A 269 12.61 9.12 -25.87
CA PRO A 269 13.94 8.86 -25.33
C PRO A 269 13.85 8.42 -23.83
N LEU A 270 14.89 7.80 -23.30
CA LEU A 270 14.97 7.47 -21.85
C LEU A 270 15.09 8.77 -21.03
N THR A 271 14.66 8.72 -19.75
CA THR A 271 14.75 9.90 -18.89
C THR A 271 15.97 9.73 -17.98
N ARG A 272 16.10 10.55 -16.93
CA ARG A 272 17.27 10.50 -16.06
C ARG A 272 17.13 9.38 -14.96
N LEU A 273 18.29 8.89 -14.53
CA LEU A 273 18.45 7.86 -13.49
C LEU A 273 19.45 8.31 -12.42
N HIS A 274 19.04 8.20 -11.16
CA HIS A 274 19.94 8.12 -9.99
C HIS A 274 19.81 6.76 -9.38
N VAL A 275 20.93 6.03 -9.21
CA VAL A 275 20.84 4.69 -8.67
C VAL A 275 21.86 4.54 -7.53
N THR A 276 21.46 3.86 -6.46
CA THR A 276 22.24 3.79 -5.26
C THR A 276 22.01 2.50 -4.50
N TYR A 277 23.09 1.92 -3.94
CA TYR A 277 22.92 0.78 -3.03
C TYR A 277 22.62 1.08 -1.55
N GLU A 278 22.66 2.36 -1.17
CA GLU A 278 22.32 2.78 0.23
C GLU A 278 20.97 3.42 0.23
N GLY A 279 20.32 3.40 1.39
CA GLY A 279 19.04 4.11 1.55
C GLY A 279 17.80 3.22 1.18
N THR A 280 16.62 3.75 1.44
CA THR A 280 15.34 3.05 1.18
C THR A 280 14.35 4.02 0.53
N ILE A 281 13.30 3.46 -0.05
CA ILE A 281 12.27 4.25 -0.74
C ILE A 281 11.63 5.20 0.28
N GLU A 282 11.31 4.68 1.46
CA GLU A 282 10.55 5.49 2.45
C GLU A 282 11.42 6.53 3.20
N GLU A 283 12.71 6.31 3.37
CA GLU A 283 13.55 7.33 4.05
CA GLU A 283 13.59 7.30 4.03
C GLU A 283 14.15 8.31 3.03
N ASN A 284 14.46 7.86 1.83
CA ASN A 284 15.24 8.69 0.89
C ASN A 284 14.44 9.18 -0.34
N GLY A 285 13.14 8.92 -0.36
CA GLY A 285 12.27 9.29 -1.47
C GLY A 285 11.30 10.40 -1.17
N GLN A 286 11.70 11.33 -0.26
CA GLN A 286 10.81 12.45 0.18
CA GLN A 286 10.75 12.37 0.19
C GLN A 286 10.31 13.24 -1.01
N GLY A 287 8.99 13.47 -1.09
CA GLY A 287 8.39 14.19 -2.23
C GLY A 287 8.36 13.48 -3.59
N MET A 288 8.75 12.23 -3.63
CA MET A 288 8.77 11.45 -4.88
C MET A 288 7.60 10.44 -4.86
N LEU A 289 7.18 9.99 -6.05
CA LEU A 289 6.22 8.90 -6.10
C LEU A 289 6.86 7.65 -5.59
N GLN A 290 6.36 7.14 -4.46
CA GLN A 290 6.97 5.96 -3.82
C GLN A 290 6.25 4.70 -4.22
N VAL A 291 6.99 3.75 -4.75
CA VAL A 291 6.39 2.43 -5.16
C VAL A 291 6.23 1.48 -3.99
N ASP A 292 5.06 0.86 -3.94
CA ASP A 292 4.70 -0.23 -3.04
C ASP A 292 4.67 -1.53 -3.87
N PHE A 293 5.50 -2.50 -3.50
CA PHE A 293 5.64 -3.74 -4.27
C PHE A 293 4.50 -4.68 -3.83
N ALA A 294 3.34 -4.46 -4.45
CA ALA A 294 2.07 -4.96 -3.95
C ALA A 294 1.75 -6.41 -4.31
N ASN A 295 0.87 -7.01 -3.52
CA ASN A 295 0.04 -8.12 -3.95
C ASN A 295 -1.17 -7.55 -4.71
N ARG A 296 -1.72 -8.31 -5.64
CA ARG A 296 -2.95 -7.85 -6.30
C ARG A 296 -4.11 -7.62 -5.29
N PHE A 297 -4.12 -8.36 -4.16
CA PHE A 297 -4.93 -7.96 -2.99
C PHE A 297 -4.09 -6.95 -2.12
N VAL A 298 -4.40 -5.66 -2.22
CA VAL A 298 -3.45 -4.66 -1.75
C VAL A 298 -3.13 -4.88 -0.29
N GLY A 299 -1.85 -4.75 0.05
CA GLY A 299 -1.34 -5.01 1.41
C GLY A 299 -0.89 -6.44 1.65
N GLY A 300 -1.32 -7.36 0.78
CA GLY A 300 -0.91 -8.77 0.89
C GLY A 300 -1.11 -9.36 2.26
N GLY A 301 -0.05 -9.94 2.83
CA GLY A 301 -0.15 -10.54 4.17
C GLY A 301 0.07 -9.60 5.39
N VAL A 302 -0.23 -8.31 5.25
CA VAL A 302 0.03 -7.40 6.34
C VAL A 302 -0.77 -7.84 7.61
N THR A 303 -2.02 -8.26 7.43
CA THR A 303 -2.89 -8.65 8.54
C THR A 303 -2.62 -10.14 8.99
N SER A 304 -1.55 -10.78 8.46
CA SER A 304 -1.22 -12.17 8.78
C SER A 304 0.29 -12.36 9.02
N ALA A 305 0.99 -13.14 8.21
CA ALA A 305 2.43 -13.40 8.37
C ALA A 305 3.40 -12.56 7.44
N GLY A 306 2.88 -11.68 6.62
CA GLY A 306 3.77 -10.99 5.66
C GLY A 306 4.59 -9.90 6.37
N LEU A 307 5.84 -9.77 5.97
CA LEU A 307 6.73 -8.82 6.59
C LEU A 307 7.93 -8.50 5.67
N VAL A 308 7.66 -8.36 4.37
CA VAL A 308 8.62 -7.78 3.41
C VAL A 308 8.12 -6.41 2.98
N GLN A 309 8.49 -5.90 1.81
CA GLN A 309 8.46 -4.45 1.54
C GLN A 309 7.09 -3.80 1.75
N GLU A 310 6.06 -4.39 1.13
CA GLU A 310 4.71 -3.79 1.23
C GLU A 310 4.14 -3.92 2.65
N ASN A 311 4.38 -5.07 3.28
CA ASN A 311 3.75 -5.40 4.53
C ASN A 311 4.36 -4.48 5.61
N ILE A 312 5.67 -4.30 5.57
CA ILE A 312 6.33 -3.33 6.43
C ILE A 312 5.82 -1.90 6.20
N ARG A 313 5.67 -1.47 4.95
CA ARG A 313 5.15 -0.11 4.70
C ARG A 313 3.70 0.11 5.26
N PHE A 314 2.83 -0.90 5.11
CA PHE A 314 1.52 -0.88 5.67
C PHE A 314 1.52 -0.86 7.23
N LEU A 315 2.55 -1.39 7.88
CA LEU A 315 2.65 -1.32 9.38
C LEU A 315 3.12 0.04 9.88
N ILE A 316 4.12 0.63 9.20
CA ILE A 316 4.65 1.87 9.67
C ILE A 316 3.82 3.06 9.27
N ASN A 317 3.05 2.94 8.14
CA ASN A 317 2.04 3.88 7.74
C ASN A 317 0.66 3.20 7.75
N PRO A 318 0.10 2.95 8.94
CA PRO A 318 -1.10 2.07 9.02
C PRO A 318 -2.35 2.56 8.36
N GLU A 319 -2.42 3.86 8.06
CA GLU A 319 -3.56 4.34 7.33
C GLU A 319 -3.69 3.65 5.95
N LEU A 320 -2.57 3.18 5.39
CA LEU A 320 -2.64 2.32 4.18
C LEU A 320 -3.59 1.10 4.31
N ILE A 321 -3.62 0.49 5.50
CA ILE A 321 -4.34 -0.74 5.71
C ILE A 321 -5.82 -0.59 5.38
N ILE A 322 -6.38 0.61 5.57
CA ILE A 322 -7.84 0.77 5.35
C ILE A 322 -8.20 0.65 3.87
N SER A 323 -7.20 0.78 2.98
CA SER A 323 -7.47 0.52 1.56
C SER A 323 -8.12 -0.88 1.37
N ARG A 324 -7.82 -1.80 2.23
CA ARG A 324 -8.31 -3.18 2.16
C ARG A 324 -9.81 -3.32 2.42
N LEU A 325 -10.38 -2.32 3.09
CA LEU A 325 -11.82 -2.26 3.31
C LEU A 325 -12.63 -2.13 2.04
N PHE A 326 -12.13 -1.36 1.08
CA PHE A 326 -12.93 -0.95 -0.07
C PHE A 326 -12.26 -1.17 -1.43
N THR A 327 -11.06 -1.71 -1.46
CA THR A 327 -10.34 -1.85 -2.73
C THR A 327 -10.39 -3.29 -3.31
N GLU A 328 -11.09 -3.49 -4.42
CA GLU A 328 -11.18 -4.80 -5.05
C GLU A 328 -9.80 -5.21 -5.61
N VAL A 329 -9.56 -6.52 -5.67
CA VAL A 329 -8.38 -7.09 -6.28
C VAL A 329 -8.02 -6.37 -7.60
N LEU A 330 -6.74 -6.04 -7.76
CA LEU A 330 -6.29 -5.29 -8.88
C LEU A 330 -6.21 -6.20 -10.15
N ASP A 331 -6.75 -5.73 -11.25
CA ASP A 331 -6.56 -6.42 -12.57
C ASP A 331 -5.26 -5.87 -13.21
N HIS A 332 -4.83 -6.50 -14.30
CA HIS A 332 -3.54 -6.20 -14.99
C HIS A 332 -3.39 -4.73 -15.42
N ASN A 333 -4.51 -4.04 -15.63
CA ASN A 333 -4.48 -2.65 -16.10
C ASN A 333 -4.76 -1.59 -15.00
N GLU A 334 -4.63 -1.98 -13.74
CA GLU A 334 -5.08 -1.11 -12.60
C GLU A 334 -3.95 -0.92 -11.56
N CYS A 335 -4.07 0.17 -10.82
CA CYS A 335 -3.28 0.43 -9.67
C CYS A 335 -4.13 1.18 -8.63
N LEU A 336 -3.58 1.33 -7.44
CA LEU A 336 -4.12 2.17 -6.37
C LEU A 336 -3.09 3.23 -5.91
N ILE A 337 -3.51 4.50 -5.89
CA ILE A 337 -2.64 5.62 -5.54
C ILE A 337 -3.16 6.26 -4.26
N ILE A 338 -2.29 6.31 -3.23
CA ILE A 338 -2.69 6.83 -1.91
C ILE A 338 -1.83 8.03 -1.53
N THR A 339 -2.50 9.15 -1.27
CA THR A 339 -1.83 10.41 -0.94
C THR A 339 -2.20 10.89 0.43
N GLY A 340 -1.20 11.07 1.29
CA GLY A 340 -1.44 11.67 2.57
C GLY A 340 -1.20 10.81 3.79
N THR A 341 -0.83 9.53 3.62
CA THR A 341 -0.61 8.68 4.78
C THR A 341 0.61 9.20 5.58
N GLU A 342 0.52 9.06 6.88
CA GLU A 342 1.52 9.51 7.84
C GLU A 342 2.34 8.34 8.38
N GLN A 343 3.64 8.55 8.55
CA GLN A 343 4.51 7.55 9.17
C GLN A 343 4.49 7.69 10.72
N TYR A 344 4.16 6.59 11.40
CA TYR A 344 4.02 6.60 12.88
C TYR A 344 5.11 5.85 13.60
N SER A 345 5.76 4.91 12.90
CA SER A 345 6.84 4.12 13.51
C SER A 345 8.14 4.06 12.66
N GLU A 346 9.25 3.75 13.33
CA GLU A 346 10.48 3.35 12.72
C GLU A 346 10.72 1.86 13.00
N TYR A 347 11.53 1.25 12.16
CA TYR A 347 11.89 -0.19 12.29
C TYR A 347 13.38 -0.47 12.04
N THR A 348 13.85 -1.63 12.48
CA THR A 348 15.11 -2.14 12.02
C THR A 348 14.90 -3.54 11.48
N GLY A 349 15.89 -4.07 10.74
CA GLY A 349 15.81 -5.37 10.18
C GLY A 349 14.82 -5.48 9.01
N TYR A 350 14.40 -6.70 8.72
CA TYR A 350 13.59 -7.00 7.52
C TYR A 350 13.15 -8.42 7.67
N ALA A 351 11.93 -8.72 7.25
CA ALA A 351 11.39 -10.06 7.27
C ALA A 351 11.62 -10.74 8.63
N GLU A 352 12.35 -11.86 8.66
CA GLU A 352 12.55 -12.58 9.94
C GLU A 352 13.43 -11.85 11.00
N THR A 353 14.05 -10.73 10.66
CA THR A 353 14.74 -9.91 11.69
C THR A 353 14.08 -8.53 11.96
N TYR A 354 12.89 -8.32 11.43
CA TYR A 354 12.16 -7.05 11.61
C TYR A 354 11.89 -6.82 13.11
N ARG A 355 12.21 -5.61 13.58
CA ARG A 355 11.80 -5.15 14.91
C ARG A 355 11.22 -3.74 14.87
N TRP A 356 10.18 -3.51 15.66
CA TRP A 356 9.78 -2.15 15.95
C TRP A 356 10.88 -1.43 16.71
N SER A 357 11.26 -0.22 16.31
CA SER A 357 12.33 0.50 17.04
C SER A 357 11.84 1.61 17.89
N ARG A 358 10.98 2.47 17.37
CA ARG A 358 10.49 3.65 18.13
C ARG A 358 9.35 4.37 17.39
N SER A 359 8.69 5.27 18.10
CA SER A 359 7.68 6.14 17.52
C SER A 359 8.39 7.17 16.59
N HIS A 360 7.75 7.51 15.45
CA HIS A 360 8.32 8.42 14.46
C HIS A 360 7.46 9.67 14.43
N GLU A 361 8.11 10.84 14.46
CA GLU A 361 7.42 12.10 14.36
C GLU A 361 7.52 12.57 12.92
N ASP A 362 6.42 12.46 12.17
CA ASP A 362 6.43 12.72 10.72
C ASP A 362 6.48 14.24 10.52
N GLY A 363 7.50 14.71 9.84
CA GLY A 363 7.65 16.14 9.57
C GLY A 363 7.27 16.56 8.15
N SER A 364 6.72 15.65 7.35
CA SER A 364 6.23 16.00 6.01
C SER A 364 5.27 17.21 6.08
N GLU A 365 5.48 18.16 5.17
CA GLU A 365 4.53 19.24 4.94
CA GLU A 365 4.53 19.26 4.91
C GLU A 365 3.16 18.71 4.49
N ARG A 366 2.10 19.48 4.74
CA ARG A 366 0.80 19.19 4.21
C ARG A 366 0.48 20.05 3.03
N ASP A 367 -0.25 19.49 2.07
CA ASP A 367 -0.77 20.23 0.92
C ASP A 367 -2.03 21.04 1.22
N ASP A 368 -2.58 21.68 0.19
CA ASP A 368 -3.76 22.59 0.34
C ASP A 368 -5.03 21.83 0.74
N TRP A 369 -5.04 20.49 0.60
CA TRP A 369 -6.16 19.65 1.08
C TRP A 369 -5.84 19.00 2.44
N GLN A 370 -4.84 19.53 3.14
CA GLN A 370 -4.39 19.02 4.43
C GLN A 370 -3.97 17.55 4.35
N ARG A 371 -3.38 17.16 3.21
CA ARG A 371 -2.74 15.85 3.06
C ARG A 371 -1.22 15.91 3.22
N ARG A 372 -0.66 15.02 4.06
CA ARG A 372 0.80 14.88 4.05
C ARG A 372 1.29 14.76 2.60
N CYS A 373 2.43 15.39 2.29
CA CYS A 373 2.99 15.33 0.90
C CYS A 373 3.80 14.02 0.70
N THR A 374 3.07 12.91 0.75
CA THR A 374 3.60 11.60 0.59
C THR A 374 2.64 10.85 -0.30
N GLU A 375 3.13 10.46 -1.49
CA GLU A 375 2.32 9.75 -2.52
C GLU A 375 2.88 8.34 -2.76
N ILE A 376 2.07 7.33 -2.47
CA ILE A 376 2.45 5.92 -2.61
C ILE A 376 1.55 5.28 -3.70
N VAL A 377 2.17 4.50 -4.61
CA VAL A 377 1.41 3.70 -5.59
C VAL A 377 1.63 2.18 -5.41
N ALA A 378 0.54 1.46 -5.23
CA ALA A 378 0.57 0.01 -5.16
C ALA A 378 0.44 -0.55 -6.56
N ILE A 379 1.51 -1.24 -7.00
CA ILE A 379 1.53 -2.00 -8.27
C ILE A 379 2.08 -3.38 -7.97
N ASP A 380 1.31 -4.39 -8.36
CA ASP A 380 1.65 -5.76 -8.13
C ASP A 380 2.36 -6.34 -9.35
N ALA A 381 3.58 -6.80 -9.15
CA ALA A 381 4.28 -7.57 -10.21
C ALA A 381 3.65 -8.97 -10.31
N LEU A 382 4.08 -9.71 -11.33
CA LEU A 382 3.73 -11.14 -11.49
C LEU A 382 4.60 -11.98 -10.60
N HIS A 383 4.05 -13.05 -10.03
CA HIS A 383 4.86 -13.97 -9.20
C HIS A 383 5.37 -15.09 -10.13
N PHE A 384 6.65 -15.08 -10.42
CA PHE A 384 7.29 -16.06 -11.35
C PHE A 384 7.81 -17.27 -10.59
N ARG A 385 7.56 -18.44 -11.13
CA ARG A 385 8.04 -19.68 -10.51
C ARG A 385 9.02 -20.41 -11.39
N ARG A 386 9.19 -19.98 -12.63
CA ARG A 386 10.30 -20.43 -13.46
C ARG A 386 10.99 -19.20 -14.02
N TYR A 387 12.30 -19.16 -13.93
CA TYR A 387 13.10 -18.04 -14.36
C TYR A 387 12.75 -17.56 -15.77
N LEU A 388 12.71 -18.48 -16.72
CA LEU A 388 12.53 -18.09 -18.14
C LEU A 388 11.16 -17.55 -18.45
N ASP A 389 10.17 -17.84 -17.59
CA ASP A 389 8.79 -17.37 -17.81
C ASP A 389 8.69 -15.89 -17.96
N GLN A 390 9.56 -15.14 -17.28
CA GLN A 390 9.41 -13.67 -17.25
C GLN A 390 9.85 -12.99 -18.54
N PHE A 391 10.60 -13.73 -19.39
CA PHE A 391 11.03 -13.16 -20.70
C PHE A 391 10.08 -13.41 -21.84
N VAL A 392 8.96 -14.09 -21.59
CA VAL A 392 7.89 -14.25 -22.60
C VAL A 392 7.29 -12.88 -22.90
N PRO A 393 7.17 -12.50 -24.20
CA PRO A 393 6.74 -11.13 -24.56
C PRO A 393 5.45 -10.65 -23.92
N GLU A 394 4.46 -11.51 -23.85
CA GLU A 394 3.21 -11.17 -23.23
C GLU A 394 3.43 -10.75 -21.72
N LYS A 395 4.36 -11.42 -21.08
CA LYS A 395 4.61 -11.18 -19.65
CA LYS A 395 4.66 -11.21 -19.63
C LYS A 395 5.50 -9.95 -19.43
N MET A 396 6.43 -9.71 -20.34
CA MET A 396 7.18 -8.41 -20.33
C MET A 396 6.24 -7.21 -20.56
N ARG A 397 5.33 -7.31 -21.56
CA ARG A 397 4.38 -6.26 -21.83
CA ARG A 397 4.36 -6.25 -21.83
C ARG A 397 3.42 -6.03 -20.64
N ARG A 398 3.03 -7.11 -19.97
CA ARG A 398 2.13 -7.01 -18.81
C ARG A 398 2.82 -6.16 -17.72
N GLU A 399 4.11 -6.42 -17.50
CA GLU A 399 4.91 -5.65 -16.45
C GLU A 399 5.12 -4.19 -16.86
N LEU A 400 5.44 -3.95 -18.14
CA LEU A 400 5.51 -2.62 -18.65
C LEU A 400 4.22 -1.84 -18.49
N ASN A 401 3.08 -2.45 -18.86
CA ASN A 401 1.80 -1.74 -18.79
C ASN A 401 1.37 -1.48 -17.32
N LYS A 402 1.68 -2.40 -16.42
CA LYS A 402 1.38 -2.25 -15.00
C LYS A 402 2.15 -1.07 -14.45
N ALA A 403 3.46 -1.04 -14.70
CA ALA A 403 4.29 0.05 -14.20
C ALA A 403 3.88 1.37 -14.81
N TYR A 404 3.56 1.35 -16.10
CA TYR A 404 3.06 2.55 -16.77
C TYR A 404 1.77 3.09 -16.16
N CYS A 405 0.79 2.21 -15.91
CA CYS A 405 -0.43 2.66 -15.26
C CYS A 405 -0.09 3.30 -13.83
N GLY A 406 0.88 2.71 -13.11
CA GLY A 406 1.33 3.26 -11.79
C GLY A 406 1.98 4.64 -11.86
N PHE A 407 2.68 4.93 -12.98
CA PHE A 407 3.47 6.13 -13.11
C PHE A 407 2.71 7.24 -13.84
N LEU A 408 1.77 6.90 -14.72
CA LEU A 408 1.11 7.88 -15.58
C LEU A 408 0.08 8.72 -14.81
N ARG A 409 0.08 10.04 -15.04
CA ARG A 409 -0.96 10.91 -14.47
C ARG A 409 -1.67 11.70 -15.59
N PRO A 410 -2.80 11.16 -16.08
CA PRO A 410 -3.47 11.79 -17.25
C PRO A 410 -3.86 13.20 -16.93
N GLY A 411 -3.56 14.11 -17.82
CA GLY A 411 -3.86 15.52 -17.57
C GLY A 411 -2.66 16.35 -17.12
N VAL A 412 -1.62 15.69 -16.56
CA VAL A 412 -0.56 16.44 -15.87
C VAL A 412 0.68 16.56 -16.74
N SER A 413 1.23 17.75 -16.88
CA SER A 413 2.37 17.92 -17.71
C SER A 413 3.67 17.47 -17.00
N SER A 414 4.66 17.07 -17.78
CA SER A 414 5.80 16.36 -17.25
C SER A 414 6.61 17.15 -16.28
N GLU A 415 6.61 18.48 -16.39
CA GLU A 415 7.39 19.28 -15.45
C GLU A 415 6.74 19.39 -14.07
N ASN A 416 5.48 18.94 -13.94
CA ASN A 416 4.84 18.88 -12.62
C ASN A 416 4.80 17.46 -12.06
N LEU A 417 5.58 16.53 -12.66
CA LEU A 417 5.69 15.15 -12.15
C LEU A 417 7.02 14.96 -11.38
N SER A 418 6.91 14.55 -10.14
CA SER A 418 8.09 14.17 -9.36
C SER A 418 8.79 12.93 -9.97
N ALA A 419 10.05 12.70 -9.59
CA ALA A 419 10.72 11.45 -9.93
C ALA A 419 9.95 10.26 -9.25
N VAL A 420 10.13 9.07 -9.80
CA VAL A 420 9.67 7.84 -9.16
C VAL A 420 10.78 7.30 -8.29
N ALA A 421 10.45 7.01 -7.03
CA ALA A 421 11.33 6.29 -6.09
C ALA A 421 10.96 4.83 -6.00
N THR A 422 11.83 3.99 -6.54
CA THR A 422 11.53 2.58 -6.71
C THR A 422 12.77 1.73 -6.46
N GLY A 423 12.62 0.44 -6.70
CA GLY A 423 13.72 -0.47 -6.52
C GLY A 423 13.40 -1.85 -7.12
N ASN A 424 13.84 -2.90 -6.43
CA ASN A 424 13.76 -4.29 -6.90
C ASN A 424 12.32 -4.89 -6.88
N TRP A 425 11.39 -4.16 -7.50
CA TRP A 425 9.97 -4.54 -7.62
C TRP A 425 9.78 -5.93 -8.23
N GLY A 426 9.07 -6.80 -7.51
CA GLY A 426 8.83 -8.18 -8.01
C GLY A 426 9.99 -9.15 -7.93
N CYS A 427 11.09 -8.73 -7.30
CA CYS A 427 12.33 -9.52 -7.34
C CYS A 427 12.77 -10.10 -5.99
N GLY A 428 11.85 -10.14 -5.01
CA GLY A 428 12.13 -10.84 -3.75
C GLY A 428 11.20 -12.02 -3.59
N ALA A 429 10.09 -11.79 -2.91
CA ALA A 429 9.08 -12.81 -2.79
C ALA A 429 8.52 -13.29 -4.12
N PHE A 430 8.49 -12.42 -5.13
CA PHE A 430 7.85 -12.75 -6.42
C PHE A 430 8.79 -13.32 -7.48
N GLY A 431 10.08 -13.47 -7.13
CA GLY A 431 11.01 -14.26 -7.91
C GLY A 431 11.51 -13.68 -9.25
N GLY A 432 11.31 -12.41 -9.51
CA GLY A 432 11.77 -11.80 -10.76
C GLY A 432 13.26 -11.51 -10.80
N ASP A 433 13.75 -11.19 -12.02
CA ASP A 433 15.14 -10.82 -12.23
C ASP A 433 15.28 -9.30 -12.14
N ALA A 434 16.13 -8.79 -11.25
CA ALA A 434 16.18 -7.34 -11.02
C ALA A 434 16.73 -6.57 -12.20
N ARG A 435 17.61 -7.18 -13.00
CA ARG A 435 18.20 -6.46 -14.18
C ARG A 435 17.14 -6.24 -15.28
N LEU A 436 16.29 -7.24 -15.47
CA LEU A 436 15.16 -7.10 -16.38
C LEU A 436 14.13 -6.13 -15.83
N LYS A 437 13.74 -6.30 -14.57
CA LYS A 437 12.70 -5.41 -14.03
C LYS A 437 13.14 -3.99 -13.95
N ALA A 438 14.41 -3.74 -13.64
CA ALA A 438 14.89 -2.38 -13.66
C ALA A 438 14.71 -1.72 -15.06
N LEU A 439 15.11 -2.43 -16.11
CA LEU A 439 14.94 -1.91 -17.47
C LEU A 439 13.48 -1.68 -17.80
N ILE A 440 12.63 -2.62 -17.45
CA ILE A 440 11.17 -2.46 -17.57
C ILE A 440 10.67 -1.20 -16.90
N GLN A 441 11.11 -0.94 -15.69
CA GLN A 441 10.66 0.29 -15.01
C GLN A 441 11.21 1.56 -15.66
N ILE A 442 12.45 1.51 -16.09
CA ILE A 442 13.05 2.62 -16.85
C ILE A 442 12.27 2.93 -18.14
N LEU A 443 11.84 1.89 -18.88
CA LEU A 443 11.03 2.10 -20.07
C LEU A 443 9.63 2.69 -19.76
N ALA A 444 9.00 2.19 -18.71
CA ALA A 444 7.70 2.69 -18.33
C ALA A 444 7.75 4.12 -17.86
N ALA A 445 8.77 4.45 -17.10
CA ALA A 445 8.92 5.81 -16.63
C ALA A 445 9.19 6.77 -17.80
N ALA A 446 9.99 6.32 -18.76
CA ALA A 446 10.29 7.12 -19.92
C ALA A 446 8.98 7.42 -20.70
N ALA A 447 8.14 6.39 -20.87
CA ALA A 447 6.83 6.55 -21.55
C ALA A 447 5.91 7.48 -20.78
N ALA A 448 5.99 7.49 -19.46
CA ALA A 448 5.23 8.45 -18.65
C ALA A 448 5.93 9.78 -18.43
N GLU A 449 7.14 9.96 -18.96
CA GLU A 449 7.92 11.22 -18.84
C GLU A 449 8.30 11.61 -17.40
N ARG A 450 8.71 10.60 -16.63
CA ARG A 450 9.27 10.78 -15.27
C ARG A 450 10.73 10.23 -15.18
N ASP A 451 11.55 10.90 -14.37
CA ASP A 451 12.85 10.39 -14.01
C ASP A 451 12.74 9.31 -12.95
N VAL A 452 13.82 8.56 -12.74
CA VAL A 452 13.83 7.40 -11.88
C VAL A 452 14.92 7.48 -10.83
N VAL A 453 14.55 7.22 -9.58
CA VAL A 453 15.51 7.10 -8.49
C VAL A 453 15.39 5.64 -7.97
N TYR A 454 16.43 4.84 -8.15
CA TYR A 454 16.37 3.41 -7.96
C TYR A 454 17.26 3.00 -6.78
N PHE A 455 16.64 2.38 -5.76
CA PHE A 455 17.32 1.85 -4.59
C PHE A 455 17.53 0.37 -4.70
N THR A 456 18.80 -0.07 -4.73
CA THR A 456 19.11 -1.49 -4.91
C THR A 456 19.18 -2.27 -3.58
N PHE A 457 18.95 -1.59 -2.43
CA PHE A 457 18.82 -2.25 -1.14
C PHE A 457 20.08 -3.12 -0.78
N GLY A 458 21.24 -2.51 -0.86
CA GLY A 458 22.48 -3.12 -0.43
C GLY A 458 23.30 -3.77 -1.53
N ASP A 459 22.76 -3.83 -2.78
CA ASP A 459 23.44 -4.58 -3.84
C ASP A 459 24.29 -3.62 -4.74
N SER A 460 25.58 -3.49 -4.44
CA SER A 460 26.45 -2.51 -5.13
C SER A 460 26.75 -2.90 -6.60
N GLU A 461 26.82 -4.18 -6.85
CA GLU A 461 27.06 -4.65 -8.19
C GLU A 461 25.83 -4.38 -9.10
N LEU A 462 24.62 -4.60 -8.58
CA LEU A 462 23.41 -4.28 -9.36
C LEU A 462 23.35 -2.82 -9.66
N MET A 463 23.70 -1.98 -8.67
CA MET A 463 23.78 -0.53 -8.90
C MET A 463 24.70 -0.15 -10.09
N ARG A 464 25.92 -0.69 -10.08
CA ARG A 464 26.84 -0.47 -11.18
CA ARG A 464 26.86 -0.49 -11.18
C ARG A 464 26.30 -0.98 -12.51
N ASP A 465 25.64 -2.16 -12.49
CA ASP A 465 25.13 -2.77 -13.75
C ASP A 465 23.97 -1.95 -14.33
N ILE A 466 23.07 -1.46 -13.47
CA ILE A 466 21.93 -0.64 -13.97
C ILE A 466 22.41 0.67 -14.52
N TYR A 467 23.29 1.35 -13.78
CA TYR A 467 23.92 2.55 -14.25
C TYR A 467 24.59 2.36 -15.64
N SER A 468 25.40 1.31 -15.77
CA SER A 468 26.18 1.08 -17.01
C SER A 468 25.29 0.87 -18.21
N MET A 469 24.20 0.12 -18.05
CA MET A 469 23.25 -0.10 -19.12
C MET A 469 22.52 1.18 -19.48
N HIS A 470 22.06 1.89 -18.47
CA HIS A 470 21.32 3.10 -18.72
C HIS A 470 22.16 4.14 -19.50
N ILE A 471 23.41 4.34 -19.10
CA ILE A 471 24.20 5.33 -19.76
C ILE A 471 24.65 4.88 -21.18
N PHE A 472 24.84 3.58 -21.36
CA PHE A 472 25.09 2.98 -22.71
C PHE A 472 23.92 3.27 -23.68
N LEU A 473 22.70 2.94 -23.24
CA LEU A 473 21.51 3.17 -24.06
C LEU A 473 21.27 4.66 -24.34
N THR A 474 21.47 5.51 -23.34
CA THR A 474 21.18 6.94 -23.44
CA THR A 474 21.13 6.92 -23.50
C THR A 474 22.16 7.63 -24.38
N GLU A 475 23.44 7.28 -24.23
CA GLU A 475 24.50 7.85 -25.09
C GLU A 475 24.35 7.41 -26.56
N ARG A 476 23.79 6.22 -26.81
CA ARG A 476 23.47 5.86 -28.18
C ARG A 476 22.08 6.32 -28.68
N LYS A 477 21.38 7.07 -27.85
CA LYS A 477 20.08 7.66 -28.27
C LYS A 477 19.06 6.61 -28.66
N LEU A 478 19.09 5.46 -28.01
CA LEU A 478 18.03 4.48 -28.24
C LEU A 478 16.70 4.91 -27.59
N THR A 479 15.61 4.68 -28.32
CA THR A 479 14.29 4.99 -27.86
C THR A 479 13.70 3.82 -27.06
N VAL A 480 12.56 4.07 -26.41
CA VAL A 480 11.84 3.02 -25.70
C VAL A 480 11.56 1.84 -26.64
N GLY A 481 11.15 2.17 -27.88
CA GLY A 481 10.90 1.13 -28.87
C GLY A 481 12.12 0.33 -29.24
N ASP A 482 13.23 0.99 -29.46
CA ASP A 482 14.51 0.30 -29.75
C ASP A 482 14.85 -0.70 -28.65
N VAL A 483 14.67 -0.28 -27.38
CA VAL A 483 14.99 -1.15 -26.27
C VAL A 483 14.03 -2.32 -26.18
N TYR A 484 12.73 -2.05 -26.34
CA TYR A 484 11.74 -3.10 -26.26
C TYR A 484 11.98 -4.15 -27.32
N LYS A 485 12.38 -3.71 -28.54
CA LYS A 485 12.70 -4.71 -29.59
C LYS A 485 13.91 -5.56 -29.25
N LEU A 486 14.89 -4.98 -28.54
CA LEU A 486 16.01 -5.78 -28.05
C LEU A 486 15.56 -6.85 -27.05
N LEU A 487 14.57 -6.54 -26.21
CA LEU A 487 14.03 -7.54 -25.27
C LEU A 487 13.38 -8.67 -26.02
N LEU A 488 12.63 -8.34 -27.09
CA LEU A 488 11.98 -9.38 -27.95
C LEU A 488 13.01 -10.29 -28.63
N ARG A 489 14.11 -9.71 -29.08
CA ARG A 489 15.21 -10.49 -29.64
C ARG A 489 15.86 -11.39 -28.63
N TYR A 490 16.10 -10.90 -27.41
CA TYR A 490 16.62 -11.79 -26.32
C TYR A 490 15.73 -13.01 -26.10
N TYR A 491 14.41 -12.79 -26.05
CA TYR A 491 13.47 -13.91 -25.90
C TYR A 491 13.63 -14.90 -27.08
N ASN A 492 13.55 -14.41 -28.29
CA ASN A 492 13.69 -15.27 -29.49
C ASN A 492 14.96 -16.05 -29.59
N GLU A 493 16.06 -15.37 -29.34
CA GLU A 493 17.37 -15.92 -29.57
C GLU A 493 17.88 -16.77 -28.42
N GLU A 494 17.45 -16.48 -27.17
CA GLU A 494 18.08 -17.09 -26.01
C GLU A 494 17.09 -17.82 -25.08
N CYS A 495 15.80 -17.51 -25.13
CA CYS A 495 14.81 -18.12 -24.23
C CYS A 495 13.78 -19.08 -24.89
N ARG A 496 13.15 -18.68 -26.00
CA ARG A 496 12.01 -19.42 -26.60
C ARG A 496 12.34 -20.86 -26.90
N ASN A 497 13.50 -21.06 -27.48
CA ASN A 497 13.90 -22.38 -27.94
C ASN A 497 14.89 -22.98 -27.01
N CYS A 498 15.03 -22.39 -25.83
CA CYS A 498 15.89 -22.94 -24.80
C CYS A 498 15.23 -24.19 -24.15
N SER A 499 16.02 -25.20 -23.82
CA SER A 499 15.47 -26.38 -23.10
C SER A 499 16.34 -26.78 -21.93
N THR A 500 16.84 -25.76 -21.24
CA THR A 500 17.36 -25.89 -19.89
C THR A 500 16.79 -24.72 -19.06
N PRO A 501 16.72 -24.87 -17.71
CA PRO A 501 16.27 -23.83 -16.77
C PRO A 501 16.73 -22.39 -17.10
N GLY A 502 18.04 -22.22 -17.30
CA GLY A 502 18.63 -20.90 -17.56
C GLY A 502 19.09 -20.78 -19.00
N PRO A 503 19.08 -19.55 -19.57
CA PRO A 503 19.54 -19.32 -20.95
C PRO A 503 21.07 -19.36 -21.02
N ASP A 504 21.64 -19.41 -22.22
CA ASP A 504 23.12 -19.52 -22.34
C ASP A 504 23.89 -18.21 -21.98
N ILE A 505 23.26 -17.08 -22.23
CA ILE A 505 23.86 -15.81 -21.76
C ILE A 505 22.80 -14.88 -21.22
N LYS A 506 23.26 -13.90 -20.43
CA LYS A 506 22.37 -13.06 -19.63
C LYS A 506 21.86 -11.90 -20.49
N LEU A 507 20.78 -11.26 -20.04
CA LEU A 507 20.20 -10.13 -20.75
C LEU A 507 21.17 -8.99 -21.09
N TYR A 508 21.92 -8.46 -20.11
CA TYR A 508 22.68 -7.26 -20.34
C TYR A 508 23.84 -7.52 -21.33
N PRO A 509 24.60 -8.62 -21.14
CA PRO A 509 25.63 -8.99 -22.15
C PRO A 509 25.07 -9.14 -23.55
N PHE A 510 23.88 -9.73 -23.66
CA PHE A 510 23.19 -9.83 -24.94
C PHE A 510 22.96 -8.49 -25.58
N ILE A 511 22.39 -7.56 -24.80
CA ILE A 511 22.09 -6.23 -25.26
C ILE A 511 23.36 -5.49 -25.71
N TYR A 512 24.43 -5.55 -24.93
CA TYR A 512 25.63 -4.80 -25.29
C TYR A 512 26.12 -5.33 -26.64
N HIS A 513 26.14 -6.64 -26.78
CA HIS A 513 26.67 -7.29 -28.01
C HIS A 513 25.82 -6.94 -29.22
N ALA A 514 24.50 -7.00 -29.07
CA ALA A 514 23.57 -6.77 -30.15
C ALA A 514 23.67 -5.37 -30.71
N VAL A 515 23.88 -4.41 -29.83
CA VAL A 515 23.98 -3.03 -30.21
C VAL A 515 25.37 -2.77 -30.76
N GLU A 516 26.40 -3.22 -30.07
CA GLU A 516 27.78 -2.93 -30.49
C GLU A 516 28.10 -3.63 -31.83
N SER A 517 27.43 -4.76 -32.10
CA SER A 517 27.63 -5.58 -33.34
C SER A 517 27.02 -4.99 -34.59
N CYS A 518 25.99 -4.19 -34.41
CA CYS A 518 25.22 -3.77 -35.53
C CYS A 518 25.95 -2.69 -36.31
N1 AR6 B . 13.26 0.15 -0.17
C2 AR6 B . 13.84 -0.28 -1.30
N3 AR6 B . 13.98 -1.59 -1.63
C4 AR6 B . 13.52 -2.52 -0.79
C5 AR6 B . 12.88 -2.11 0.45
C6 AR6 B . 12.83 -0.70 0.74
N6 AR6 B . 12.26 -0.25 1.89
N7 AR6 B . 12.48 -3.25 1.10
C8 AR6 B . 12.89 -4.29 0.34
N9 AR6 B . 13.51 -3.85 -0.79
PA AR6 B . 9.49 -7.84 -1.88
PB AR6 B . 7.97 -8.56 -4.37
C1' AR6 B . 14.03 -4.65 -1.90
O1A AR6 B . 8.73 -7.21 -0.72
O1B AR6 B . 9.04 -9.50 -4.80
C1D AR6 B . 4.56 -9.32 -0.17
C2' AR6 B . 14.68 -5.93 -1.41
O2' AR6 B . 15.80 -6.24 -2.28
O2A AR6 B . 10.03 -9.21 -1.76
O2B AR6 B . 7.29 -7.64 -5.37
C2D AR6 B . 3.55 -8.50 -0.89
O2D AR6 B . 2.39 -8.36 -0.10
C3' AR6 B . 13.57 -6.94 -1.68
O3' AR6 B . 14.04 -8.27 -1.86
O3A AR6 B . 8.56 -7.62 -3.14
C3D AR6 B . 3.38 -9.26 -2.19
O3D AR6 B . 2.46 -10.34 -2.00
C4' AR6 B . 12.94 -6.43 -2.96
O4' AR6 B . 12.97 -5.01 -2.78
C4D AR6 B . 4.80 -9.81 -2.44
O4D AR6 B . 5.48 -9.82 -1.16
C5' AR6 B . 11.50 -6.93 -3.29
O5' AR6 B . 10.67 -6.78 -2.18
C5D AR6 B . 5.52 -8.95 -3.44
O5D AR6 B . 6.80 -9.46 -3.68
N1 AR6 C . 8.97 -13.10 5.21
C2 AR6 C . 7.92 -12.25 5.35
N3 AR6 C . 6.98 -12.05 4.42
C4 AR6 C . 7.04 -12.75 3.26
C5 AR6 C . 8.08 -13.72 3.04
C6 AR6 C . 9.10 -13.86 4.10
N6 AR6 C . 10.16 -14.73 4.02
N7 AR6 C . 7.88 -14.24 1.80
C8 AR6 C . 6.76 -13.70 1.29
N9 AR6 C . 6.26 -12.76 2.17
PA AR6 C . 1.08 -15.07 4.69
PA AR6 C . 0.51 -14.83 4.34
PB AR6 C . -1.01 -16.85 3.78
PB AR6 C . -0.97 -16.51 3.04
C1' AR6 C . 5.06 -11.92 2.05
O1A AR6 C . 2.31 -15.85 5.01
O1A AR6 C . 1.13 -16.19 4.35
O1B AR6 C . -1.03 -17.75 2.52
O1B AR6 C . -1.26 -16.80 1.58
C2' AR6 C . 4.53 -11.83 0.63
O2' AR6 C . 3.88 -10.57 0.46
O2A AR6 C . 0.19 -14.59 5.82
O2A AR6 C . -0.06 -14.30 5.64
O2B AR6 C . -0.85 -17.49 5.14
O2B AR6 C . 0.12 -17.33 3.79
C3' AR6 C . 3.50 -12.96 0.58
O3' AR6 C . 2.46 -12.73 -0.43
O3A AR6 C . 0.18 -15.77 3.55
O3A AR6 C . -0.62 -14.97 3.26
C4' AR6 C . 2.91 -12.87 1.97
O4' AR6 C . 4.01 -12.54 2.87
C5' AR6 C . 2.24 -14.17 2.48
O5' AR6 C . 1.61 -13.86 3.78
O5' AR6 C . 1.59 -13.83 3.73
O5D AR6 C . -2.30 -15.90 3.72
O5D AR6 C . -2.31 -16.71 3.89
C1 BME D . -19.45 10.83 20.56
C2 BME D . -18.79 9.58 19.97
O1 BME D . -19.75 10.61 21.96
S2 BME D . -17.13 10.19 19.42
S SO4 E . -19.67 19.87 1.62
O1 SO4 E . -20.60 19.34 2.64
O2 SO4 E . -18.35 19.21 1.70
O3 SO4 E . -19.49 21.34 1.85
O4 SO4 E . -20.29 19.58 0.29
S SO4 F . -17.61 -26.16 9.16
O1 SO4 F . -18.17 -27.14 10.14
O2 SO4 F . -16.22 -25.84 9.56
O3 SO4 F . -18.42 -24.91 9.17
O4 SO4 F . -17.60 -26.72 7.78
S SO4 G . 5.53 -16.24 5.08
O1 SO4 G . 4.53 -17.01 5.88
O2 SO4 G . 6.88 -16.62 5.54
O3 SO4 G . 5.31 -14.78 5.28
O4 SO4 G . 5.37 -16.56 3.65
S SO4 H . 14.47 20.58 -8.04
O1 SO4 H . 14.04 19.61 -9.07
O2 SO4 H . 14.20 20.02 -6.67
O3 SO4 H . 13.70 21.83 -8.27
O4 SO4 H . 15.90 20.89 -8.20
S SO4 I . -0.37 -12.40 -18.72
O1 SO4 I . -1.71 -12.04 -19.25
O2 SO4 I . -0.48 -12.74 -17.28
O3 SO4 I . 0.50 -11.21 -18.91
O4 SO4 I . 0.23 -13.51 -19.49
S SO4 J . -20.06 -13.11 8.79
O1 SO4 J . -21.09 -13.52 9.82
O2 SO4 J . -19.17 -14.21 8.43
O3 SO4 J . -19.32 -12.01 9.45
O4 SO4 J . -20.79 -12.66 7.65
S SO4 K . -27.49 -9.50 3.51
O1 SO4 K . -27.95 -10.89 3.33
O2 SO4 K . -26.08 -9.56 4.03
O3 SO4 K . -28.38 -8.80 4.46
O4 SO4 K . -27.59 -8.79 2.18
C1 GOL L . 7.74 8.95 3.40
O1 GOL L . 8.21 10.09 2.59
C2 GOL L . 7.16 9.20 4.85
O2 GOL L . 5.72 8.74 5.10
C3 GOL L . 7.38 10.65 5.12
O3 GOL L . 8.78 10.88 5.29
C1 GOL M . 12.35 2.28 -32.87
O1 GOL M . 12.43 1.06 -33.57
C2 GOL M . 10.92 2.60 -32.63
O2 GOL M . 10.08 2.06 -33.68
C3 GOL M . 10.83 4.09 -32.54
O3 GOL M . 12.11 4.59 -32.17
C1 GOL N . 16.66 -8.20 -4.66
O1 GOL N . 15.57 -9.03 -4.18
C2 GOL N . 17.68 -9.00 -5.47
O2 GOL N . 16.94 -9.71 -6.51
C3 GOL N . 18.77 -8.08 -6.08
O3 GOL N . 19.62 -7.43 -5.09
C1 GOL O . 12.22 -14.19 1.21
O1 GOL O . 11.40 -14.23 0.01
C2 GOL O . 12.33 -12.73 1.60
O2 GOL O . 12.22 -12.09 0.36
C3 GOL O . 13.65 -12.36 2.27
O3 GOL O . 13.70 -12.86 3.61
C1 GOL P . 5.33 -17.99 -14.35
O1 GOL P . 6.02 -18.54 -13.24
C2 GOL P . 4.08 -17.26 -13.93
O2 GOL P . 3.04 -18.21 -13.80
C3 GOL P . 3.72 -16.31 -15.03
O3 GOL P . 2.82 -15.35 -14.51
C1 GOL Q . -1.17 12.85 14.36
O1 GOL Q . 0.05 13.46 13.90
C2 GOL Q . -0.91 12.07 15.64
O2 GOL Q . -2.05 12.11 16.52
C3 GOL Q . 0.26 12.67 16.37
O3 GOL Q . -0.22 13.95 16.77
C1 GOL R . -20.77 -7.63 -2.66
O1 GOL R . -21.36 -6.98 -1.52
C2 GOL R . -19.60 -6.83 -3.20
O2 GOL R . -20.16 -5.86 -4.09
C3 GOL R . -18.64 -7.74 -3.96
O3 GOL R . -18.39 -7.26 -5.28
C1 GOL S . 1.34 -15.62 -2.69
O1 GOL S . 2.46 -14.75 -2.35
C2 GOL S . 0.82 -15.45 -4.15
O2 GOL S . 1.89 -15.22 -5.04
C3 GOL S . -0.25 -14.35 -4.33
O3 GOL S . -0.21 -13.75 -5.69
C1 GOL T . 2.15 -0.31 25.69
O1 GOL T . 1.34 -1.14 26.49
C2 GOL T . 2.98 -1.20 24.78
O2 GOL T . 3.93 -0.36 24.09
C3 GOL T . 2.07 -1.94 23.80
O3 GOL T . 2.87 -2.30 22.64
C1 GOL U . -25.33 8.11 15.79
O1 GOL U . -26.18 7.29 14.97
C2 GOL U . -25.80 9.55 15.73
O2 GOL U . -26.97 9.71 16.52
C3 GOL U . -26.04 10.00 14.27
O3 GOL U . -24.78 10.33 13.65
C1 GOL V . -6.25 -21.93 24.68
O1 GOL V . -6.29 -23.01 23.76
C2 GOL V . -7.63 -21.59 25.27
O2 GOL V . -8.64 -21.61 24.25
C3 GOL V . -7.55 -20.21 25.96
O3 GOL V . -7.77 -19.13 25.03
C1 PPI W . -22.97 -13.63 16.38
C2 PPI W . -23.87 -14.18 17.48
C3 PPI W . -24.63 -15.39 16.96
O1 PPI W . -23.35 -12.62 15.79
O2 PPI W . -21.89 -14.20 16.09
C1 PPI X . -4.95 14.40 -6.38
C2 PPI X . -5.63 15.06 -7.56
C3 PPI X . -5.08 16.44 -7.84
O1 PPI X . -5.63 13.46 -5.73
O2 PPI X . -3.73 14.85 -6.10
C1 PPI Y . -27.07 3.89 13.89
C2 PPI Y . -27.73 3.32 12.67
C3 PPI Y . -28.80 4.26 12.18
O1 PPI Y . -26.35 3.12 14.59
O2 PPI Y . -27.25 5.10 14.15
C1 PPI Z . 19.73 -0.71 2.98
C2 PPI Z . 20.58 -1.96 3.20
C3 PPI Z . 19.80 -3.11 3.83
O1 PPI Z . 19.73 -0.16 1.84
O2 PPI Z . 19.07 -0.23 3.95
C1 PPI AA . -9.69 -13.95 -7.62
C2 PPI AA . -10.73 -13.06 -7.00
C3 PPI AA . -11.69 -12.58 -8.09
O1 PPI AA . -9.45 -13.80 -8.84
O2 PPI AA . -9.13 -14.83 -6.92
C1 PPI BA . 15.91 -1.79 7.11
C2 PPI BA . 15.82 -0.65 6.11
C3 PPI BA . 16.79 0.48 6.46
O1 PPI BA . 15.84 -1.55 8.33
O2 PPI BA . 16.02 -2.94 6.69
#